data_5Y6T
#
_entry.id   5Y6T
#
_cell.length_a   50.130
_cell.length_b   69.461
_cell.length_c   86.654
_cell.angle_alpha   90.00
_cell.angle_beta   90.00
_cell.angle_gamma   90.00
#
_symmetry.space_group_name_H-M   'P 21 21 21'
#
loop_
_entity.id
_entity.type
_entity.pdbx_description
1 polymer endo-1,4-beta-mannanase
2 non-polymer 2-AMINO-2-HYDROXYMETHYL-PROPANE-1,3-DIOL
3 non-polymer 'ISOPROPYL ALCOHOL'
4 water water
#
_entity_poly.entity_id   1
_entity_poly.type   'polypeptide(L)'
_entity_poly.pdbx_seq_one_letter_code
;EAFEQQFLDVQNGQLRLNGEKVFMSGMNIAWQNYGRDFGNGQYDCCTGNALEDYIVRIKAEGGNSLRIWVHCDGGYTPEF
DGNGYVVGTDAQNTMTSDLAQFLDVAYANNVLVFIVLWNGATTPTSRYRDLIYDDSKLQTYIDQALVPMVSALSGKVALG
GWEVMNEPEGIVSAGVSDGNPCFDTQPLAGSGAGWADSIPMQRLQSFINKQTAAIKRADPKVIVTLGSWSERAQTDQFGW
RNYYTDNCLIDAGGDSLGVIDFYQMHTYAWEGAYTSSSPLLVPNSQYNLDKPNNIGEFSQSGGDGRSITDQFDWAYTQGY
CGAWSWQANGGGDNADSFATQAQGLNHLRGRNDQNAGGRIDIILQLEQKLISEEDLNSAVDHHHHHH
;
_entity_poly.pdbx_strand_id   A
#
# COMPACT_ATOMS: atom_id res chain seq x y z
N GLN A 5 9.86 -9.04 -20.97
CA GLN A 5 9.29 -7.82 -20.30
C GLN A 5 9.54 -7.83 -18.78
N GLN A 6 10.07 -6.70 -18.29
CA GLN A 6 10.40 -6.50 -16.91
C GLN A 6 9.34 -5.67 -16.09
N PHE A 7 8.98 -6.21 -14.93
CA PHE A 7 8.13 -5.51 -13.97
C PHE A 7 8.87 -5.39 -12.63
N LEU A 8 8.38 -4.51 -11.77
CA LEU A 8 9.05 -4.27 -10.49
C LEU A 8 9.13 -5.61 -9.75
N ASP A 9 10.30 -5.94 -9.15
CA ASP A 9 10.40 -7.17 -8.38
CA ASP A 9 10.56 -7.21 -8.50
C ASP A 9 11.30 -7.00 -7.16
N VAL A 10 11.46 -8.09 -6.40
CA VAL A 10 12.26 -8.08 -5.16
C VAL A 10 13.27 -9.23 -5.20
N GLN A 11 14.51 -8.89 -4.94
CA GLN A 11 15.59 -9.88 -4.84
C GLN A 11 16.60 -9.47 -3.84
N ASN A 12 17.14 -10.42 -3.09
CA ASN A 12 18.18 -10.12 -2.18
C ASN A 12 17.84 -8.98 -1.25
N GLY A 13 16.56 -8.89 -0.90
CA GLY A 13 16.16 -7.93 0.06
C GLY A 13 16.08 -6.55 -0.51
N GLN A 14 16.14 -6.44 -1.84
CA GLN A 14 16.07 -5.10 -2.54
C GLN A 14 14.95 -5.05 -3.53
N LEU A 15 14.40 -3.85 -3.69
CA LEU A 15 13.49 -3.59 -4.79
C LEU A 15 14.28 -3.33 -6.07
N ARG A 16 13.88 -4.04 -7.14
CA ARG A 16 14.61 -4.02 -8.37
C ARG A 16 13.72 -3.88 -9.59
N LEU A 17 14.28 -3.21 -10.57
CA LEU A 17 13.61 -3.11 -11.87
C LEU A 17 14.71 -3.32 -12.88
N ASN A 18 14.51 -4.34 -13.73
N ASN A 18 14.55 -4.33 -13.67
CA ASN A 18 15.51 -4.78 -14.71
CA ASN A 18 15.49 -5.36 -13.49
C ASN A 18 16.70 -5.19 -13.79
C ASN A 18 16.94 -5.27 -13.79
N GLY A 19 17.93 -4.86 -14.11
N GLY A 19 17.60 -5.93 -12.85
CA GLY A 19 19.02 -5.31 -13.21
CA GLY A 19 18.97 -5.75 -12.59
C GLY A 19 19.12 -4.67 -11.81
C GLY A 19 19.07 -4.71 -11.48
N GLU A 20 18.40 -3.54 -11.63
CA GLU A 20 18.89 -2.44 -10.87
CA GLU A 20 18.91 -2.45 -10.84
C GLU A 20 18.03 -2.14 -9.62
N LYS A 21 18.70 -1.76 -8.54
CA LYS A 21 17.95 -1.31 -7.36
CA LYS A 21 18.00 -1.30 -7.34
C LYS A 21 17.25 0.00 -7.67
N VAL A 22 15.98 0.06 -7.30
CA VAL A 22 15.15 1.27 -7.56
C VAL A 22 14.50 1.69 -6.25
N PHE A 23 14.20 2.98 -6.12
CA PHE A 23 13.56 3.52 -4.94
C PHE A 23 12.25 4.19 -5.36
N MET A 24 11.14 3.88 -4.69
CA MET A 24 9.88 4.47 -5.10
C MET A 24 9.69 5.80 -4.37
N SER A 25 9.82 6.91 -5.10
CA SER A 25 9.67 8.23 -4.56
C SER A 25 8.44 8.90 -5.14
N GLY A 26 7.47 9.25 -4.32
CA GLY A 26 6.24 9.75 -4.86
C GLY A 26 5.24 10.14 -3.81
N MET A 27 3.98 10.21 -4.20
CA MET A 27 2.92 10.62 -3.29
C MET A 27 1.80 9.62 -3.27
N ASN A 28 1.18 9.51 -2.09
CA ASN A 28 -0.13 9.00 -2.04
C ASN A 28 -1.04 10.02 -2.73
N ILE A 29 -1.93 9.55 -3.58
CA ILE A 29 -2.94 10.49 -4.21
C ILE A 29 -3.82 11.11 -3.09
N ALA A 30 -4.40 10.35 -2.18
CA ALA A 30 -4.73 8.91 -2.31
C ALA A 30 -6.04 8.66 -3.08
N TRP A 31 -6.74 9.73 -3.39
CA TRP A 31 -7.97 9.73 -4.14
C TRP A 31 -8.23 11.12 -4.70
N GLN A 32 -9.17 11.19 -5.63
CA GLN A 32 -9.76 12.49 -6.05
C GLN A 32 -11.16 12.57 -5.45
N ASN A 33 -12.03 11.68 -5.89
CA ASN A 33 -13.31 11.48 -5.22
C ASN A 33 -13.25 10.16 -4.42
N TYR A 34 -13.06 10.25 -3.10
CA TYR A 34 -12.83 9.07 -2.28
C TYR A 34 -13.80 7.93 -2.52
N GLY A 35 -13.24 6.76 -2.86
CA GLY A 35 -13.98 5.54 -3.10
C GLY A 35 -14.79 5.57 -4.37
N ARG A 36 -14.70 6.67 -5.15
CA ARG A 36 -15.53 6.85 -6.33
CA ARG A 36 -15.55 6.89 -6.32
C ARG A 36 -14.71 7.34 -7.51
N ASP A 37 -13.45 6.93 -7.55
CA ASP A 37 -12.57 7.34 -8.65
C ASP A 37 -12.61 6.41 -9.85
N PHE A 38 -12.75 5.13 -9.57
CA PHE A 38 -12.77 4.07 -10.58
C PHE A 38 -14.06 3.27 -10.50
N GLY A 39 -14.57 2.85 -11.64
CA GLY A 39 -15.82 2.12 -11.62
C GLY A 39 -17.03 3.07 -11.80
N ASN A 40 -18.12 2.47 -12.19
CA ASN A 40 -19.43 3.18 -12.37
C ASN A 40 -19.33 4.41 -13.27
N GLY A 41 -18.46 4.29 -14.27
CA GLY A 41 -18.23 5.35 -15.29
C GLY A 41 -17.69 6.68 -14.76
N GLN A 42 -17.09 6.67 -13.55
CA GLN A 42 -16.64 7.86 -12.91
C GLN A 42 -15.38 8.42 -13.53
N TYR A 43 -14.52 7.55 -14.03
CA TYR A 43 -13.26 8.00 -14.52
C TYR A 43 -13.51 8.83 -15.78
N ASP A 44 -14.31 8.29 -16.72
CA ASP A 44 -14.59 9.07 -17.94
C ASP A 44 -15.45 10.31 -17.67
N CYS A 45 -16.45 10.22 -16.79
CA CYS A 45 -17.32 11.43 -16.56
C CYS A 45 -16.65 12.53 -15.72
N CYS A 46 -15.85 12.13 -14.73
CA CYS A 46 -15.67 12.96 -13.54
C CYS A 46 -14.28 13.03 -12.98
N THR A 47 -13.58 11.88 -12.90
CA THR A 47 -12.29 11.88 -12.21
C THR A 47 -11.02 11.75 -13.04
N GLY A 48 -11.15 11.25 -14.27
CA GLY A 48 -9.95 10.85 -15.04
C GLY A 48 -9.00 12.00 -15.34
N ASN A 49 -9.51 13.15 -15.73
CA ASN A 49 -8.60 14.24 -15.98
C ASN A 49 -7.80 14.74 -14.74
N ALA A 50 -8.46 14.84 -13.60
CA ALA A 50 -7.79 15.19 -12.37
C ALA A 50 -6.74 14.13 -12.01
N LEU A 51 -7.06 12.86 -12.18
CA LEU A 51 -6.18 11.74 -11.80
C LEU A 51 -4.96 11.71 -12.70
N GLU A 52 -5.17 11.91 -13.99
CA GLU A 52 -4.05 11.94 -14.92
C GLU A 52 -3.14 13.13 -14.72
N ASP A 53 -3.71 14.29 -14.34
CA ASP A 53 -2.95 15.45 -14.00
C ASP A 53 -2.06 15.13 -12.78
N TYR A 54 -2.52 14.33 -11.82
CA TYR A 54 -1.62 14.03 -10.70
C TYR A 54 -0.40 13.28 -11.19
N ILE A 55 -0.60 12.36 -12.14
CA ILE A 55 0.54 11.58 -12.67
C ILE A 55 1.56 12.48 -13.29
N VAL A 56 1.05 13.35 -14.17
CA VAL A 56 1.94 14.32 -14.81
C VAL A 56 2.73 15.26 -13.84
N ARG A 57 2.02 15.82 -12.88
CA ARG A 57 2.57 16.76 -11.92
C ARG A 57 3.55 16.08 -11.00
N ILE A 58 3.27 14.81 -10.62
CA ILE A 58 4.23 14.06 -9.83
C ILE A 58 5.54 13.83 -10.59
N LYS A 59 5.43 13.37 -11.83
CA LYS A 59 6.62 13.13 -12.62
C LYS A 59 7.38 14.42 -12.82
N ALA A 60 6.67 15.51 -13.11
CA ALA A 60 7.33 16.80 -13.34
C ALA A 60 8.22 17.28 -12.17
N GLU A 61 7.88 16.87 -10.94
CA GLU A 61 8.58 17.25 -9.73
C GLU A 61 9.71 16.28 -9.42
N GLY A 62 9.78 15.23 -10.21
CA GLY A 62 10.79 14.17 -10.02
C GLY A 62 10.37 12.89 -9.34
N GLY A 63 9.08 12.74 -9.06
CA GLY A 63 8.63 11.48 -8.46
C GLY A 63 8.57 10.42 -9.52
N ASN A 64 8.53 9.21 -9.07
CA ASN A 64 8.41 8.07 -9.98
C ASN A 64 7.33 7.09 -9.68
N SER A 65 6.47 7.44 -8.73
CA SER A 65 5.48 6.51 -8.26
C SER A 65 4.38 7.21 -7.54
N LEU A 66 3.32 6.44 -7.31
CA LEU A 66 2.15 6.92 -6.59
C LEU A 66 1.38 5.77 -5.98
N ARG A 67 0.64 6.07 -4.93
CA ARG A 67 -0.25 5.13 -4.28
C ARG A 67 -1.67 5.66 -4.33
N ILE A 68 -2.59 4.85 -4.79
CA ILE A 68 -3.96 5.27 -5.01
C ILE A 68 -4.94 4.20 -4.51
N TRP A 69 -6.07 4.65 -4.01
CA TRP A 69 -7.03 3.77 -3.35
C TRP A 69 -8.27 3.60 -4.19
N VAL A 70 -8.88 2.42 -4.07
CA VAL A 70 -10.03 2.08 -4.93
C VAL A 70 -11.29 1.84 -4.13
N HIS A 71 -11.52 0.69 -3.52
CA HIS A 71 -12.83 0.46 -2.91
C HIS A 71 -13.05 1.22 -1.60
N CYS A 72 -11.96 1.42 -0.87
CA CYS A 72 -11.98 2.19 0.40
C CYS A 72 -12.85 1.48 1.42
N ASP A 73 -13.99 2.02 1.78
CA ASP A 73 -14.85 1.37 2.77
C ASP A 73 -15.96 0.51 2.14
N GLY A 74 -15.90 0.27 0.83
CA GLY A 74 -16.89 -0.55 0.11
C GLY A 74 -18.23 0.11 -0.14
N GLY A 75 -18.30 1.42 0.06
CA GLY A 75 -19.55 2.16 -0.07
C GLY A 75 -20.04 2.35 -1.48
N TYR A 76 -19.15 2.29 -2.47
CA TYR A 76 -19.54 2.45 -3.86
C TYR A 76 -19.18 1.29 -4.77
N THR A 77 -17.99 0.75 -4.59
CA THR A 77 -17.53 -0.46 -5.22
C THR A 77 -16.95 -1.34 -4.12
N PRO A 78 -16.85 -2.65 -4.36
CA PRO A 78 -17.39 -3.40 -5.49
C PRO A 78 -18.93 -3.57 -5.51
N GLU A 79 -19.41 -4.30 -6.49
CA GLU A 79 -20.83 -4.43 -6.66
C GLU A 79 -21.33 -5.68 -5.98
N PHE A 80 -22.17 -5.45 -4.97
CA PHE A 80 -22.74 -6.51 -4.14
C PHE A 80 -24.15 -6.80 -4.59
N ASP A 81 -24.53 -8.07 -4.60
CA ASP A 81 -25.91 -8.40 -4.87
C ASP A 81 -26.75 -8.26 -3.57
N GLY A 82 -28.05 -8.60 -3.64
CA GLY A 82 -28.93 -8.48 -2.51
C GLY A 82 -28.65 -9.33 -1.26
N ASN A 83 -27.84 -10.36 -1.42
CA ASN A 83 -27.40 -11.19 -0.36
C ASN A 83 -25.95 -10.94 0.10
N GLY A 84 -25.28 -9.99 -0.51
CA GLY A 84 -23.91 -9.60 -0.14
C GLY A 84 -22.83 -10.32 -0.92
N TYR A 85 -23.22 -11.16 -1.90
CA TYR A 85 -22.21 -11.80 -2.79
C TYR A 85 -21.74 -10.77 -3.80
N VAL A 86 -20.47 -10.82 -4.16
CA VAL A 86 -19.99 -9.83 -5.14
C VAL A 86 -20.23 -10.34 -6.58
N VAL A 87 -20.72 -9.44 -7.44
CA VAL A 87 -21.05 -9.76 -8.82
C VAL A 87 -20.13 -9.11 -9.81
N GLY A 88 -19.26 -8.21 -9.34
CA GLY A 88 -18.32 -7.55 -10.24
C GLY A 88 -17.61 -6.46 -9.53
N THR A 89 -16.66 -5.84 -10.23
CA THR A 89 -15.89 -4.73 -9.64
C THR A 89 -16.76 -3.52 -9.36
N ASP A 90 -17.77 -3.34 -10.21
CA ASP A 90 -18.63 -2.17 -10.16
C ASP A 90 -19.85 -2.43 -11.01
N ALA A 91 -20.93 -1.67 -10.79
CA ALA A 91 -22.19 -1.89 -11.53
C ALA A 91 -22.07 -1.80 -13.02
N GLN A 92 -21.19 -0.95 -13.55
CA GLN A 92 -21.10 -0.73 -14.95
C GLN A 92 -19.93 -1.45 -15.61
N ASN A 93 -19.20 -2.24 -14.81
CA ASN A 93 -18.00 -2.94 -15.22
C ASN A 93 -17.02 -1.98 -15.93
N THR A 94 -16.87 -0.76 -15.38
CA THR A 94 -15.80 0.12 -15.91
C THR A 94 -14.45 0.14 -15.15
N MET A 95 -14.44 -0.44 -13.97
CA MET A 95 -13.25 -0.31 -13.13
C MET A 95 -12.00 -0.72 -13.86
N THR A 96 -12.00 -1.90 -14.44
CA THR A 96 -10.78 -2.36 -15.12
C THR A 96 -10.29 -1.46 -16.23
N SER A 97 -11.20 -1.04 -17.11
CA SER A 97 -10.86 -0.12 -18.16
C SER A 97 -10.45 1.24 -17.62
N ASP A 98 -11.06 1.68 -16.52
CA ASP A 98 -10.71 2.95 -15.92
C ASP A 98 -9.26 2.88 -15.42
N LEU A 99 -8.95 1.84 -14.64
CA LEU A 99 -7.58 1.68 -14.18
C LEU A 99 -6.57 1.51 -15.34
N ALA A 100 -6.99 0.80 -16.39
CA ALA A 100 -6.22 0.64 -17.61
C ALA A 100 -5.81 1.98 -18.17
N GLN A 101 -6.76 2.89 -18.32
CA GLN A 101 -6.50 4.24 -18.85
C GLN A 101 -5.47 4.95 -17.95
N PHE A 102 -5.67 4.81 -16.65
CA PHE A 102 -4.80 5.48 -15.66
C PHE A 102 -3.37 4.93 -15.77
N LEU A 103 -3.27 3.62 -15.89
CA LEU A 103 -2.00 2.94 -16.02
C LEU A 103 -1.32 3.20 -17.34
N ASP A 104 -2.11 3.38 -18.41
CA ASP A 104 -1.48 3.78 -19.68
C ASP A 104 -0.85 5.18 -19.59
N VAL A 105 -1.54 6.11 -18.91
CA VAL A 105 -0.97 7.45 -18.67
C VAL A 105 0.29 7.37 -17.79
N ALA A 106 0.22 6.51 -16.76
CA ALA A 106 1.40 6.34 -15.89
C ALA A 106 2.56 5.82 -16.70
N TYR A 107 2.33 4.86 -17.60
CA TYR A 107 3.43 4.34 -18.40
C TYR A 107 4.07 5.41 -19.29
N ALA A 108 3.21 6.21 -19.90
CA ALA A 108 3.64 7.30 -20.77
C ALA A 108 4.49 8.34 -20.01
N ASN A 109 4.28 8.41 -18.70
CA ASN A 109 5.05 9.32 -17.84
C ASN A 109 6.10 8.71 -16.93
N ASN A 110 6.37 7.43 -17.14
CA ASN A 110 7.34 6.70 -16.34
C ASN A 110 7.10 6.70 -14.82
N VAL A 111 5.83 6.57 -14.48
CA VAL A 111 5.38 6.51 -13.07
C VAL A 111 4.77 5.14 -12.78
N LEU A 112 5.27 4.51 -11.70
CA LEU A 112 4.78 3.25 -11.19
C LEU A 112 3.60 3.47 -10.24
N VAL A 113 2.56 2.70 -10.42
CA VAL A 113 1.30 2.83 -9.69
C VAL A 113 1.11 1.67 -8.71
N PHE A 114 0.77 2.01 -7.48
CA PHE A 114 0.44 1.05 -6.45
C PHE A 114 -0.99 1.22 -6.07
N ILE A 115 -1.74 0.14 -6.19
CA ILE A 115 -3.23 0.15 -6.10
C ILE A 115 -3.69 -0.53 -4.82
N VAL A 116 -4.40 0.25 -4.00
CA VAL A 116 -4.91 -0.20 -2.73
C VAL A 116 -6.40 -0.55 -2.82
N LEU A 117 -6.75 -1.80 -2.52
CA LEU A 117 -8.15 -2.22 -2.63
C LEU A 117 -9.08 -1.68 -1.54
N TRP A 118 -8.71 -1.93 -0.29
CA TRP A 118 -9.58 -1.69 0.81
C TRP A 118 -8.96 -0.72 1.80
N ASN A 119 -9.83 -0.05 2.58
CA ASN A 119 -9.37 0.79 3.70
C ASN A 119 -9.73 0.26 5.06
N GLY A 120 -8.69 0.15 5.87
CA GLY A 120 -8.73 -0.22 7.25
C GLY A 120 -8.71 0.92 8.25
N ALA A 121 -8.58 2.15 7.77
CA ALA A 121 -8.46 3.34 8.60
C ALA A 121 -9.82 3.99 8.88
N THR A 122 -10.88 3.47 8.25
CA THR A 122 -12.24 3.89 8.58
C THR A 122 -13.09 2.67 8.81
N THR A 123 -14.23 2.85 9.41
CA THR A 123 -15.07 1.76 9.75
C THR A 123 -15.67 1.20 8.43
N PRO A 124 -15.61 -0.12 8.27
CA PRO A 124 -16.19 -0.68 7.05
C PRO A 124 -17.71 -0.58 6.94
N THR A 125 -18.19 -0.44 5.71
CA THR A 125 -19.59 -0.74 5.43
C THR A 125 -19.88 -2.22 5.70
N SER A 126 -21.14 -2.58 5.95
CA SER A 126 -21.51 -3.92 6.41
C SER A 126 -21.18 -4.96 5.34
N ARG A 127 -21.28 -4.61 4.06
CA ARG A 127 -20.98 -5.59 3.01
C ARG A 127 -19.51 -5.91 2.95
N TYR A 128 -18.68 -4.91 3.17
CA TYR A 128 -17.24 -5.11 3.21
C TYR A 128 -16.85 -5.89 4.47
N ARG A 129 -17.37 -5.51 5.60
CA ARG A 129 -17.09 -6.24 6.83
C ARG A 129 -17.46 -7.70 6.68
N ASP A 130 -18.59 -7.94 6.03
CA ASP A 130 -19.01 -9.33 5.87
C ASP A 130 -18.03 -10.15 4.99
N LEU A 131 -17.29 -9.51 4.08
CA LEU A 131 -16.22 -10.23 3.34
C LEU A 131 -15.11 -10.72 4.25
N ILE A 132 -14.87 -9.99 5.33
CA ILE A 132 -13.83 -10.35 6.29
C ILE A 132 -14.24 -11.52 7.14
N TYR A 133 -15.52 -11.66 7.36
CA TYR A 133 -16.08 -12.71 8.19
C TYR A 133 -16.65 -13.93 7.47
N ASP A 134 -16.96 -13.83 6.19
CA ASP A 134 -17.65 -14.94 5.53
C ASP A 134 -16.86 -15.31 4.26
N ASP A 135 -16.13 -16.41 4.34
CA ASP A 135 -15.30 -16.84 3.23
C ASP A 135 -16.06 -17.11 1.94
N SER A 136 -17.31 -17.53 2.06
CA SER A 136 -18.12 -17.75 0.84
C SER A 136 -18.33 -16.45 0.08
N LYS A 137 -18.57 -15.38 0.81
CA LYS A 137 -18.68 -14.06 0.19
C LYS A 137 -17.36 -13.50 -0.33
N LEU A 138 -16.30 -13.63 0.50
CA LEU A 138 -14.96 -13.28 0.04
C LEU A 138 -14.58 -13.97 -1.23
N GLN A 139 -14.93 -15.26 -1.36
CA GLN A 139 -14.53 -15.96 -2.56
C GLN A 139 -15.23 -15.37 -3.83
N THR A 140 -16.47 -14.86 -3.69
CA THR A 140 -17.13 -14.18 -4.78
C THR A 140 -16.46 -12.86 -5.16
N TYR A 141 -16.04 -12.09 -4.16
CA TYR A 141 -15.13 -10.95 -4.42
C TYR A 141 -13.94 -11.36 -5.23
N ILE A 142 -13.26 -12.42 -4.77
CA ILE A 142 -12.07 -12.87 -5.45
C ILE A 142 -12.32 -13.29 -6.90
N ASP A 143 -13.38 -14.02 -7.11
CA ASP A 143 -13.60 -14.71 -8.41
C ASP A 143 -14.27 -13.79 -9.39
N GLN A 144 -15.18 -12.92 -8.91
CA GLN A 144 -16.02 -12.09 -9.77
CA GLN A 144 -15.91 -12.12 -9.86
C GLN A 144 -15.47 -10.69 -10.00
N ALA A 145 -14.62 -10.23 -9.09
CA ALA A 145 -14.08 -8.89 -9.19
C ALA A 145 -12.54 -8.90 -9.31
N LEU A 146 -11.86 -9.43 -8.29
CA LEU A 146 -10.42 -9.27 -8.14
C LEU A 146 -9.63 -10.01 -9.23
N VAL A 147 -9.88 -11.31 -9.36
CA VAL A 147 -9.09 -12.10 -10.30
C VAL A 147 -9.25 -11.60 -11.71
N PRO A 148 -10.47 -11.36 -12.19
CA PRO A 148 -10.59 -10.84 -13.55
C PRO A 148 -9.89 -9.49 -13.81
N MET A 149 -10.01 -8.57 -12.83
CA MET A 149 -9.33 -7.30 -12.90
C MET A 149 -7.80 -7.44 -12.93
N VAL A 150 -7.29 -8.22 -11.99
CA VAL A 150 -5.86 -8.39 -11.83
C VAL A 150 -5.30 -9.02 -13.13
N SER A 151 -5.97 -10.05 -13.60
CA SER A 151 -5.51 -10.75 -14.84
C SER A 151 -5.48 -9.81 -16.05
N ALA A 152 -6.55 -9.04 -16.23
CA ALA A 152 -6.66 -8.18 -17.36
C ALA A 152 -5.56 -7.12 -17.29
N LEU A 153 -5.20 -6.65 -16.08
CA LEU A 153 -4.19 -5.60 -15.92
C LEU A 153 -2.75 -6.07 -15.84
N SER A 154 -2.57 -7.38 -15.98
CA SER A 154 -1.27 -8.06 -15.72
C SER A 154 -0.19 -7.77 -16.71
N GLY A 155 -0.55 -7.09 -17.80
CA GLY A 155 0.46 -6.67 -18.75
C GLY A 155 0.83 -5.20 -18.72
N LYS A 156 0.23 -4.45 -17.81
CA LYS A 156 0.47 -3.00 -17.75
C LYS A 156 1.82 -2.79 -17.04
N VAL A 157 2.77 -2.23 -17.78
CA VAL A 157 4.13 -2.04 -17.28
C VAL A 157 4.23 -1.07 -16.10
N ALA A 158 3.35 -0.09 -16.08
CA ALA A 158 3.33 0.89 -14.98
C ALA A 158 2.65 0.38 -13.72
N LEU A 159 2.15 -0.86 -13.71
CA LEU A 159 1.51 -1.39 -12.49
CA LEU A 159 1.52 -1.36 -12.48
C LEU A 159 2.65 -1.84 -11.58
N GLY A 160 2.95 -1.07 -10.58
CA GLY A 160 4.02 -1.43 -9.68
C GLY A 160 3.65 -2.53 -8.72
N GLY A 161 2.44 -2.44 -8.17
CA GLY A 161 1.95 -3.43 -7.28
C GLY A 161 0.55 -3.19 -6.74
N TRP A 162 0.02 -4.22 -6.14
CA TRP A 162 -1.28 -4.17 -5.47
C TRP A 162 -1.06 -4.18 -3.96
N GLU A 163 -2.07 -3.73 -3.22
CA GLU A 163 -2.09 -3.68 -1.79
C GLU A 163 -3.47 -3.99 -1.31
N VAL A 164 -3.63 -5.05 -0.50
CA VAL A 164 -4.96 -5.42 -0.14
C VAL A 164 -5.69 -4.39 0.69
N MET A 165 -5.02 -3.92 1.74
CA MET A 165 -5.66 -3.07 2.72
C MET A 165 -4.78 -2.03 3.32
N ASN A 166 -5.19 -0.76 3.24
CA ASN A 166 -4.53 0.28 3.98
C ASN A 166 -4.75 0.17 5.48
N GLU A 167 -3.67 0.15 6.27
CA GLU A 167 -3.78 0.22 7.76
C GLU A 167 -4.85 -0.71 8.34
N PRO A 168 -4.66 -2.03 8.26
CA PRO A 168 -5.57 -2.96 8.90
C PRO A 168 -5.72 -2.72 10.36
N GLU A 169 -4.69 -2.13 10.97
CA GLU A 169 -4.71 -1.93 12.42
C GLU A 169 -5.74 -0.93 12.84
N GLY A 170 -6.22 -0.11 11.91
CA GLY A 170 -7.39 0.73 12.22
C GLY A 170 -8.63 0.00 12.61
N ILE A 171 -8.79 -1.27 12.17
CA ILE A 171 -10.02 -1.97 12.41
C ILE A 171 -9.79 -3.21 13.28
N VAL A 172 -8.59 -3.34 13.86
CA VAL A 172 -8.23 -4.53 14.64
C VAL A 172 -8.50 -4.35 16.12
N SER A 173 -8.81 -5.49 16.74
CA SER A 173 -8.94 -5.56 18.16
C SER A 173 -7.55 -5.67 18.77
N ALA A 174 -7.13 -4.55 19.31
CA ALA A 174 -5.78 -4.39 19.88
C ALA A 174 -5.74 -4.78 21.34
N GLY A 175 -4.57 -5.21 21.85
CA GLY A 175 -4.46 -5.51 23.27
C GLY A 175 -5.10 -6.83 23.69
N VAL A 176 -5.21 -7.80 22.77
CA VAL A 176 -5.92 -9.08 23.07
C VAL A 176 -4.92 -10.22 22.98
N SER A 177 -4.83 -10.99 24.05
CA SER A 177 -3.97 -12.16 24.12
C SER A 177 -4.46 -13.31 23.23
N ASP A 178 -3.51 -14.11 22.78
CA ASP A 178 -3.79 -15.29 22.07
C ASP A 178 -2.66 -16.23 22.30
N GLY A 179 -3.01 -17.51 22.28
CA GLY A 179 -2.04 -18.61 22.25
C GLY A 179 -1.16 -18.67 21.01
N ASN A 180 -1.69 -18.21 19.85
CA ASN A 180 -0.88 -18.14 18.63
C ASN A 180 -0.32 -16.73 18.55
N PRO A 181 1.02 -16.59 18.62
CA PRO A 181 1.53 -15.19 18.70
C PRO A 181 1.17 -14.38 17.46
N CYS A 182 0.99 -15.03 16.34
CA CYS A 182 0.57 -14.33 15.11
C CYS A 182 -0.72 -13.56 15.28
N PHE A 183 -1.58 -14.03 16.19
CA PHE A 183 -2.95 -13.45 16.39
C PHE A 183 -3.04 -12.63 17.66
N ASP A 184 -1.98 -12.62 18.43
CA ASP A 184 -1.93 -11.96 19.72
C ASP A 184 -1.59 -10.51 19.44
N THR A 185 -2.45 -9.59 19.87
CA THR A 185 -2.25 -8.15 19.71
C THR A 185 -1.85 -7.35 20.98
N GLN A 186 -1.32 -8.05 21.98
CA GLN A 186 -0.78 -7.38 23.16
CA GLN A 186 -0.73 -7.44 23.18
C GLN A 186 0.34 -6.39 22.79
N PRO A 187 1.15 -6.68 21.79
CA PRO A 187 2.13 -5.59 21.43
C PRO A 187 1.54 -4.29 20.92
N LEU A 188 0.29 -4.31 20.49
CA LEU A 188 -0.46 -3.15 20.12
C LEU A 188 -1.27 -2.49 21.25
N ALA A 189 -1.17 -3.02 22.47
CA ALA A 189 -1.94 -2.43 23.60
C ALA A 189 -1.46 -1.02 23.83
N GLY A 190 -2.40 -0.10 23.98
CA GLY A 190 -2.07 1.28 24.29
C GLY A 190 -1.55 2.07 23.08
N SER A 191 -1.54 1.45 21.88
CA SER A 191 -0.96 2.12 20.69
C SER A 191 -1.93 3.05 20.00
N GLY A 192 -3.23 2.97 20.32
CA GLY A 192 -4.28 3.62 19.58
C GLY A 192 -4.84 2.84 18.37
N ALA A 193 -4.27 1.69 18.06
CA ALA A 193 -4.89 0.75 17.07
C ALA A 193 -6.35 0.45 17.42
N GLY A 194 -7.13 0.15 16.39
CA GLY A 194 -8.53 -0.21 16.61
C GLY A 194 -9.45 0.98 16.77
N TRP A 195 -9.06 2.11 16.20
CA TRP A 195 -9.90 3.33 16.30
C TRP A 195 -11.19 3.22 15.50
N ALA A 196 -11.22 2.37 14.48
CA ALA A 196 -12.38 2.31 13.59
C ALA A 196 -13.23 1.00 13.72
N ASP A 197 -12.68 -0.10 14.25
CA ASP A 197 -13.46 -1.29 14.52
CA ASP A 197 -13.44 -1.32 14.49
C ASP A 197 -12.56 -2.20 15.37
N SER A 198 -13.07 -3.37 15.71
CA SER A 198 -12.45 -4.33 16.63
CA SER A 198 -12.38 -4.32 16.60
C SER A 198 -12.54 -5.74 16.06
N ILE A 199 -12.04 -5.92 14.87
CA ILE A 199 -12.07 -7.22 14.20
C ILE A 199 -10.83 -7.96 14.65
N PRO A 200 -10.96 -9.26 14.90
CA PRO A 200 -9.77 -10.03 15.28
C PRO A 200 -8.68 -9.96 14.27
N MET A 201 -7.44 -9.91 14.74
CA MET A 201 -6.31 -9.95 13.85
C MET A 201 -6.28 -11.13 12.90
N GLN A 202 -6.58 -12.32 13.42
CA GLN A 202 -6.63 -13.50 12.54
CA GLN A 202 -6.65 -13.53 12.57
C GLN A 202 -7.53 -13.33 11.33
N ARG A 203 -8.69 -12.63 11.48
CA ARG A 203 -9.60 -12.45 10.35
CA ARG A 203 -9.62 -12.43 10.34
C ARG A 203 -9.02 -11.47 9.30
N LEU A 204 -8.31 -10.44 9.79
CA LEU A 204 -7.65 -9.47 8.90
C LEU A 204 -6.54 -10.12 8.12
N GLN A 205 -5.69 -10.85 8.85
CA GLN A 205 -4.67 -11.64 8.19
C GLN A 205 -5.19 -12.63 7.17
N SER A 206 -6.23 -13.38 7.54
CA SER A 206 -6.84 -14.33 6.59
C SER A 206 -7.32 -13.62 5.32
N PHE A 207 -8.01 -12.48 5.50
CA PHE A 207 -8.57 -11.64 4.40
C PHE A 207 -7.41 -11.23 3.47
N ILE A 208 -6.32 -10.81 4.08
CA ILE A 208 -5.16 -10.39 3.37
C ILE A 208 -4.50 -11.57 2.63
N ASN A 209 -4.25 -12.64 3.35
CA ASN A 209 -3.59 -13.81 2.80
C ASN A 209 -4.33 -14.32 1.56
N LYS A 210 -5.66 -14.47 1.67
CA LYS A 210 -6.45 -15.06 0.57
C LYS A 210 -6.45 -14.18 -0.65
N GLN A 211 -6.65 -12.88 -0.45
CA GLN A 211 -6.61 -11.97 -1.62
C GLN A 211 -5.23 -11.80 -2.22
N THR A 212 -4.20 -11.85 -1.39
CA THR A 212 -2.84 -11.77 -1.90
C THR A 212 -2.56 -12.99 -2.79
N ALA A 213 -2.94 -14.16 -2.31
CA ALA A 213 -2.72 -15.40 -3.04
C ALA A 213 -3.47 -15.27 -4.40
N ALA A 214 -4.73 -14.80 -4.33
CA ALA A 214 -5.53 -14.70 -5.55
C ALA A 214 -4.90 -13.75 -6.55
N ILE A 215 -4.40 -12.57 -6.09
CA ILE A 215 -3.67 -11.65 -6.99
C ILE A 215 -2.45 -12.37 -7.70
N LYS A 216 -1.73 -13.16 -6.93
CA LYS A 216 -0.51 -13.79 -7.44
C LYS A 216 -0.84 -14.96 -8.38
N ARG A 217 -1.93 -15.64 -8.16
CA ARG A 217 -2.40 -16.61 -9.18
C ARG A 217 -2.81 -15.95 -10.43
N ALA A 218 -3.49 -14.79 -10.34
CA ALA A 218 -3.99 -14.08 -11.52
C ALA A 218 -2.86 -13.40 -12.26
N ASP A 219 -1.80 -12.99 -11.52
CA ASP A 219 -0.65 -12.27 -12.08
C ASP A 219 0.59 -12.70 -11.36
N PRO A 220 1.20 -13.81 -11.81
CA PRO A 220 2.34 -14.35 -11.11
C PRO A 220 3.62 -13.55 -11.14
N LYS A 221 3.66 -12.37 -11.75
CA LYS A 221 4.83 -11.53 -11.61
C LYS A 221 4.62 -10.29 -10.76
N VAL A 222 3.38 -9.99 -10.36
CA VAL A 222 3.17 -8.72 -9.71
C VAL A 222 3.56 -8.76 -8.26
N ILE A 223 4.07 -7.65 -7.75
CA ILE A 223 4.31 -7.60 -6.33
CA ILE A 223 4.33 -7.58 -6.31
C ILE A 223 3.10 -7.07 -5.51
N VAL A 224 3.04 -7.46 -4.26
CA VAL A 224 1.98 -7.06 -3.35
C VAL A 224 2.65 -6.47 -2.10
N THR A 225 2.02 -5.44 -1.56
CA THR A 225 2.47 -4.85 -0.30
C THR A 225 1.22 -4.75 0.64
N LEU A 226 1.46 -4.18 1.83
CA LEU A 226 0.46 -4.01 2.87
C LEU A 226 0.99 -2.89 3.77
N GLY A 227 0.29 -1.77 3.85
CA GLY A 227 0.70 -0.58 4.53
C GLY A 227 0.17 -0.56 5.97
N SER A 228 1.03 -0.81 6.96
CA SER A 228 0.61 -0.72 8.35
C SER A 228 0.66 0.76 8.86
N TRP A 229 -0.15 1.06 9.85
CA TRP A 229 -0.28 2.43 10.30
C TRP A 229 0.93 2.95 11.11
N SER A 230 1.78 2.05 11.55
CA SER A 230 3.03 2.37 12.29
C SER A 230 3.92 1.10 12.21
N GLU A 231 5.17 1.24 12.66
CA GLU A 231 6.11 0.15 12.69
C GLU A 231 5.63 -0.95 13.63
N ARG A 232 4.69 -0.65 14.54
CA ARG A 232 4.34 -1.55 15.60
C ARG A 232 3.76 -2.88 15.14
N ALA A 233 3.25 -2.94 13.89
CA ALA A 233 2.75 -4.16 13.34
C ALA A 233 3.58 -4.81 12.22
N GLN A 234 4.78 -4.28 11.96
CA GLN A 234 5.62 -4.80 10.90
C GLN A 234 7.06 -4.95 11.29
N THR A 235 7.31 -5.22 12.58
CA THR A 235 8.68 -5.59 12.98
C THR A 235 8.55 -6.50 14.21
N ASP A 236 9.45 -7.49 14.33
CA ASP A 236 9.60 -8.25 15.58
C ASP A 236 10.67 -7.65 16.50
N GLN A 237 11.24 -6.51 16.11
CA GLN A 237 12.20 -5.79 16.91
C GLN A 237 11.47 -4.69 17.70
N PHE A 238 12.19 -4.06 18.62
CA PHE A 238 11.70 -2.92 19.40
C PHE A 238 10.48 -3.22 20.28
N GLY A 239 10.27 -4.50 20.57
CA GLY A 239 9.11 -4.91 21.37
C GLY A 239 7.84 -5.04 20.61
N TRP A 240 7.91 -4.90 19.29
CA TRP A 240 6.73 -4.94 18.43
C TRP A 240 6.49 -6.33 17.89
N ARG A 241 5.54 -6.51 16.97
CA ARG A 241 5.41 -7.77 16.27
C ARG A 241 5.11 -7.51 14.79
N ASN A 242 5.59 -8.39 13.96
CA ASN A 242 5.28 -8.35 12.53
C ASN A 242 4.16 -9.30 12.14
N TYR A 243 2.99 -8.71 11.92
CA TYR A 243 1.77 -9.48 11.69
C TYR A 243 1.61 -9.91 10.27
N TYR A 244 2.52 -9.52 9.38
CA TYR A 244 2.28 -9.75 7.94
C TYR A 244 3.44 -10.53 7.30
N THR A 245 4.17 -11.25 8.15
CA THR A 245 5.14 -12.21 7.67
C THR A 245 4.47 -13.32 6.92
N ASP A 246 5.25 -14.05 6.11
CA ASP A 246 4.74 -15.20 5.38
C ASP A 246 4.12 -16.18 6.35
N ASN A 247 4.81 -16.43 7.46
CA ASN A 247 4.30 -17.42 8.37
CA ASN A 247 4.39 -17.31 8.55
C ASN A 247 2.97 -16.97 9.00
N CYS A 248 2.84 -15.72 9.42
CA CYS A 248 1.55 -15.26 10.02
C CYS A 248 0.39 -15.26 9.01
N LEU A 249 0.62 -14.76 7.81
CA LEU A 249 -0.45 -14.67 6.75
C LEU A 249 -0.89 -16.07 6.37
N ILE A 250 0.06 -16.98 6.19
CA ILE A 250 -0.31 -18.38 5.89
C ILE A 250 -0.99 -19.06 7.05
N ASP A 251 -0.52 -18.82 8.28
CA ASP A 251 -1.14 -19.41 9.48
C ASP A 251 -2.61 -18.98 9.55
N ALA A 252 -2.88 -17.73 9.22
CA ALA A 252 -4.24 -17.18 9.28
C ALA A 252 -5.15 -17.63 8.18
N GLY A 253 -4.67 -17.62 6.91
CA GLY A 253 -5.57 -17.79 5.77
C GLY A 253 -5.44 -19.12 5.07
N GLY A 254 -4.33 -19.80 5.38
CA GLY A 254 -4.06 -21.12 4.81
C GLY A 254 -3.49 -21.25 3.43
N ASP A 255 -3.26 -20.13 2.74
CA ASP A 255 -2.81 -20.20 1.35
C ASP A 255 -1.34 -19.82 1.24
N SER A 256 -0.53 -20.80 0.84
CA SER A 256 0.92 -20.63 0.74
CA SER A 256 0.92 -20.63 0.78
C SER A 256 1.41 -19.56 -0.20
N LEU A 257 0.58 -19.19 -1.18
CA LEU A 257 0.97 -18.15 -2.12
C LEU A 257 0.69 -16.74 -1.62
N GLY A 258 -0.04 -16.64 -0.52
CA GLY A 258 -0.58 -15.35 -0.09
C GLY A 258 0.39 -14.62 0.80
N VAL A 259 1.54 -14.24 0.18
CA VAL A 259 2.64 -13.61 0.89
C VAL A 259 2.93 -12.30 0.18
N ILE A 260 3.38 -11.29 0.94
CA ILE A 260 3.66 -9.97 0.36
C ILE A 260 5.14 -9.87 -0.03
N ASP A 261 5.51 -8.86 -0.80
CA ASP A 261 6.83 -8.75 -1.32
C ASP A 261 7.65 -7.67 -0.68
N PHE A 262 7.00 -6.56 -0.27
CA PHE A 262 7.67 -5.55 0.55
C PHE A 262 6.77 -5.05 1.67
N TYR A 263 7.39 -4.91 2.81
CA TYR A 263 6.76 -4.30 4.01
C TYR A 263 6.59 -2.76 3.72
N GLN A 264 5.68 -2.18 4.48
CA GLN A 264 5.35 -0.78 4.27
C GLN A 264 4.86 -0.20 5.61
N MET A 265 5.62 0.70 6.18
CA MET A 265 5.27 1.32 7.43
C MET A 265 4.92 2.75 7.19
N HIS A 266 3.78 3.17 7.68
CA HIS A 266 3.41 4.58 7.73
C HIS A 266 3.89 5.20 9.04
N THR A 267 4.12 6.51 9.06
CA THR A 267 4.56 7.05 10.33
C THR A 267 4.13 8.49 10.43
N TYR A 268 3.50 8.79 11.55
CA TYR A 268 3.12 10.14 11.91
C TYR A 268 3.43 10.41 13.36
N ALA A 269 3.64 11.69 13.66
CA ALA A 269 3.90 12.08 15.03
C ALA A 269 2.61 12.14 15.81
N TRP A 270 2.71 11.87 17.10
CA TRP A 270 1.53 12.01 18.00
C TRP A 270 1.97 13.01 19.06
N GLU A 271 1.16 14.02 19.24
CA GLU A 271 1.47 15.13 20.15
C GLU A 271 2.84 15.71 19.92
N GLY A 272 3.18 15.85 18.64
CA GLY A 272 4.44 16.45 18.21
C GLY A 272 5.73 15.68 18.32
N ALA A 273 5.63 14.37 18.59
CA ALA A 273 6.77 13.49 18.63
C ALA A 273 6.53 12.16 17.90
N TYR A 274 7.49 11.74 17.12
CA TYR A 274 7.47 10.39 16.59
C TYR A 274 7.80 9.42 17.71
N THR A 275 7.31 8.18 17.59
CA THR A 275 7.90 7.07 18.34
C THR A 275 9.39 6.94 18.11
N SER A 276 10.10 6.44 19.12
CA SER A 276 11.56 6.30 18.99
C SER A 276 11.94 5.22 17.96
N SER A 277 10.99 4.34 17.59
CA SER A 277 11.18 3.29 16.64
C SER A 277 10.52 3.62 15.23
N SER A 278 10.11 4.89 15.06
CA SER A 278 9.60 5.38 13.79
C SER A 278 10.59 5.12 12.68
N PRO A 279 10.09 4.72 11.49
CA PRO A 279 11.02 4.55 10.39
C PRO A 279 11.67 5.80 9.90
N LEU A 280 11.14 6.97 10.26
CA LEU A 280 11.88 8.19 9.99
C LEU A 280 12.96 8.54 11.02
N LEU A 281 13.09 7.72 12.07
CA LEU A 281 14.11 7.90 13.13
C LEU A 281 15.13 6.82 13.24
N VAL A 282 14.83 5.62 12.71
CA VAL A 282 15.74 4.49 12.77
C VAL A 282 16.01 4.02 11.35
N PRO A 283 17.19 3.48 11.11
CA PRO A 283 17.48 2.85 9.81
C PRO A 283 16.74 1.55 9.64
N ASN A 284 16.33 1.26 8.42
CA ASN A 284 15.46 0.11 8.12
C ASN A 284 16.15 -1.22 8.60
N SER A 285 17.48 -1.29 8.55
CA SER A 285 18.16 -2.50 9.03
CA SER A 285 18.21 -2.46 9.03
C SER A 285 17.84 -2.90 10.46
N GLN A 286 17.57 -1.91 11.32
CA GLN A 286 17.21 -2.24 12.72
C GLN A 286 15.93 -3.00 12.86
N TYR A 287 15.05 -2.95 11.85
CA TYR A 287 13.86 -3.75 11.89
C TYR A 287 14.09 -5.24 11.62
N ASN A 288 15.26 -5.57 11.09
CA ASN A 288 15.68 -6.94 10.75
C ASN A 288 14.59 -7.74 9.96
N LEU A 289 14.14 -7.13 8.87
CA LEU A 289 13.09 -7.67 8.02
C LEU A 289 13.64 -8.56 6.95
N ASP A 290 12.80 -9.50 6.53
CA ASP A 290 13.02 -10.41 5.41
C ASP A 290 12.50 -9.98 4.05
N LYS A 291 12.15 -8.68 3.92
CA LYS A 291 11.68 -8.04 2.69
C LYS A 291 12.12 -6.60 2.80
N PRO A 292 12.26 -5.92 1.66
CA PRO A 292 12.41 -4.47 1.71
C PRO A 292 11.24 -3.80 2.38
N ASN A 293 11.41 -2.51 2.76
CA ASN A 293 10.43 -1.74 3.49
C ASN A 293 10.33 -0.37 2.92
N ASN A 294 9.10 0.09 2.70
CA ASN A 294 8.72 1.40 2.13
C ASN A 294 8.09 2.24 3.17
N ILE A 295 8.52 3.51 3.34
CA ILE A 295 7.81 4.39 4.27
C ILE A 295 6.63 4.93 3.43
N GLY A 296 5.50 4.23 3.51
CA GLY A 296 4.34 4.37 2.58
C GLY A 296 3.45 5.58 2.81
N GLU A 297 3.56 6.18 4.01
CA GLU A 297 2.93 7.46 4.32
C GLU A 297 3.75 8.18 5.40
N PHE A 298 3.80 9.49 5.27
CA PHE A 298 4.33 10.44 6.28
C PHE A 298 4.01 11.81 5.74
N SER A 299 4.20 12.84 6.57
CA SER A 299 4.00 14.19 6.05
C SER A 299 4.75 15.14 6.97
N GLN A 300 5.06 16.32 6.45
CA GLN A 300 5.69 17.34 7.22
C GLN A 300 4.71 17.83 8.31
N SER A 301 3.48 18.10 7.89
CA SER A 301 2.43 18.53 8.82
C SER A 301 2.14 17.50 9.89
N GLY A 302 2.29 16.23 9.50
CA GLY A 302 2.11 15.16 10.47
C GLY A 302 3.38 14.66 11.05
N GLY A 303 4.41 15.51 11.08
CA GLY A 303 5.61 15.21 11.74
C GLY A 303 5.90 16.00 13.02
N ASP A 304 7.16 16.04 13.37
CA ASP A 304 7.63 16.61 14.65
C ASP A 304 8.35 17.94 14.43
N GLY A 305 8.15 18.52 13.24
CA GLY A 305 8.90 19.75 12.82
C GLY A 305 9.98 19.56 11.75
N ARG A 306 10.47 18.33 11.53
CA ARG A 306 11.46 18.10 10.54
C ARG A 306 10.81 18.41 9.17
N SER A 307 11.64 18.73 8.19
CA SER A 307 11.10 19.16 6.91
C SER A 307 10.79 17.93 6.05
N ILE A 308 9.94 18.18 5.06
CA ILE A 308 9.64 17.16 4.04
C ILE A 308 10.93 16.63 3.37
N THR A 309 11.91 17.50 3.14
CA THR A 309 13.15 17.06 2.51
CA THR A 309 13.13 16.98 2.49
C THR A 309 13.93 16.15 3.45
N ASP A 310 13.96 16.49 4.75
CA ASP A 310 14.58 15.63 5.73
C ASP A 310 13.98 14.19 5.71
N GLN A 311 12.68 14.11 5.52
CA GLN A 311 12.00 12.86 5.58
C GLN A 311 12.32 12.02 4.35
N PHE A 312 12.19 12.58 3.15
CA PHE A 312 12.58 11.85 1.92
C PHE A 312 14.05 11.49 1.94
N ASP A 313 14.89 12.39 2.46
CA ASP A 313 16.31 12.09 2.53
C ASP A 313 16.59 10.86 3.42
N TRP A 314 15.94 10.80 4.56
CA TRP A 314 16.13 9.74 5.53
C TRP A 314 15.75 8.43 4.86
N ALA A 315 14.60 8.40 4.17
CA ALA A 315 14.11 7.16 3.56
C ALA A 315 15.15 6.63 2.56
N TYR A 316 15.69 7.55 1.77
CA TYR A 316 16.62 7.24 0.67
C TYR A 316 17.95 6.72 1.19
N THR A 317 18.41 7.31 2.29
CA THR A 317 19.77 7.06 2.74
C THR A 317 19.89 6.02 3.87
N GLN A 318 18.79 5.67 4.50
CA GLN A 318 18.83 4.80 5.70
C GLN A 318 18.10 3.47 5.44
N GLY A 319 18.08 3.03 4.19
CA GLY A 319 17.78 1.58 3.95
C GLY A 319 16.38 1.22 3.47
N TYR A 320 15.56 2.24 3.20
CA TYR A 320 14.17 2.02 2.73
C TYR A 320 14.11 1.93 1.21
N CYS A 321 13.06 1.29 0.67
CA CYS A 321 12.90 1.14 -0.74
C CYS A 321 11.88 2.12 -1.36
N GLY A 322 11.35 3.02 -0.56
CA GLY A 322 10.46 4.03 -1.06
C GLY A 322 10.02 4.95 0.06
N ALA A 323 9.40 6.06 -0.40
CA ALA A 323 8.83 7.08 0.41
C ALA A 323 7.65 7.73 -0.34
N TRP A 324 6.44 7.58 0.23
CA TRP A 324 5.26 8.19 -0.33
C TRP A 324 4.64 9.14 0.66
N SER A 325 4.65 10.44 0.32
CA SER A 325 4.06 11.45 1.19
C SER A 325 2.54 11.45 1.19
N TRP A 326 1.97 12.09 2.21
CA TRP A 326 0.54 12.16 2.41
C TRP A 326 0.09 13.66 2.27
N GLN A 327 -0.84 13.96 1.37
CA GLN A 327 -1.26 13.23 0.18
C GLN A 327 -1.46 14.33 -0.91
N ALA A 328 -1.38 13.91 -2.18
CA ALA A 328 -1.36 14.82 -3.37
C ALA A 328 -2.57 15.74 -3.41
N ASN A 329 -3.70 15.28 -2.88
CA ASN A 329 -4.91 16.07 -2.98
C ASN A 329 -4.94 17.16 -1.90
N GLY A 330 -4.06 17.07 -0.95
CA GLY A 330 -3.83 18.13 0.03
C GLY A 330 -4.78 18.12 1.18
N GLY A 331 -5.65 17.13 1.24
CA GLY A 331 -6.86 17.17 2.07
C GLY A 331 -6.76 16.43 3.34
N GLY A 332 -7.31 17.05 4.36
CA GLY A 332 -7.55 16.40 5.61
C GLY A 332 -6.39 16.54 6.56
N ASP A 333 -6.62 15.93 7.71
CA ASP A 333 -5.68 15.97 8.79
C ASP A 333 -4.40 15.26 8.33
N ASN A 334 -3.30 15.91 8.70
CA ASN A 334 -1.97 15.43 8.43
C ASN A 334 -1.60 15.36 6.94
N ALA A 335 -2.35 16.02 6.07
CA ALA A 335 -1.95 16.13 4.71
C ALA A 335 -1.17 17.43 4.50
N ASP A 336 -0.02 17.31 3.85
CA ASP A 336 0.66 18.45 3.28
C ASP A 336 0.04 18.97 2.02
N SER A 337 0.36 20.18 1.64
CA SER A 337 0.06 20.63 0.31
C SER A 337 0.86 19.85 -0.75
N PHE A 338 0.36 19.81 -1.97
CA PHE A 338 1.10 19.23 -3.09
C PHE A 338 2.49 19.93 -3.19
N ALA A 339 2.48 21.27 -3.08
CA ALA A 339 3.73 22.06 -3.24
C ALA A 339 4.80 21.65 -2.22
N THR A 340 4.36 21.40 -1.01
CA THR A 340 5.30 20.96 0.01
C THR A 340 5.87 19.58 -0.37
N GLN A 341 4.99 18.66 -0.68
CA GLN A 341 5.43 17.29 -1.05
C GLN A 341 6.36 17.33 -2.26
N ALA A 342 6.04 18.17 -3.24
CA ALA A 342 6.90 18.34 -4.41
C ALA A 342 8.34 18.63 -3.96
N GLN A 343 8.56 19.39 -2.88
CA GLN A 343 9.97 19.71 -2.48
C GLN A 343 10.74 18.44 -2.16
N GLY A 344 10.08 17.48 -1.55
CA GLY A 344 10.74 16.22 -1.31
C GLY A 344 11.02 15.42 -2.52
N LEU A 345 10.08 15.40 -3.47
CA LEU A 345 10.32 14.75 -4.75
C LEU A 345 11.51 15.41 -5.44
N ASN A 346 11.51 16.75 -5.44
CA ASN A 346 12.61 17.47 -6.05
C ASN A 346 13.96 17.05 -5.49
N HIS A 347 14.02 16.92 -4.20
CA HIS A 347 15.26 16.56 -3.52
C HIS A 347 15.87 15.23 -3.98
N LEU A 348 15.04 14.23 -4.26
CA LEU A 348 15.54 12.91 -4.72
C LEU A 348 15.78 12.79 -6.20
N ARG A 349 15.26 13.73 -6.96
CA ARG A 349 15.37 13.66 -8.43
C ARG A 349 16.85 13.48 -8.81
N GLY A 350 17.06 12.59 -9.76
CA GLY A 350 18.40 12.41 -10.35
C GLY A 350 19.33 11.56 -9.49
N ARG A 351 18.93 11.16 -8.27
CA ARG A 351 19.79 10.31 -7.45
C ARG A 351 19.87 8.90 -7.96
N ASN A 352 21.07 8.32 -7.87
CA ASN A 352 21.22 6.93 -8.19
C ASN A 352 22.50 6.44 -7.54
N ASP A 353 22.41 6.35 -6.23
CA ASP A 353 23.44 5.70 -5.40
CA ASP A 353 23.40 5.68 -5.39
C ASP A 353 22.97 4.27 -5.15
N GLN A 354 23.60 3.31 -5.86
CA GLN A 354 23.21 1.93 -5.67
C GLN A 354 23.59 1.38 -4.30
N ASN A 355 24.47 2.08 -3.60
CA ASN A 355 24.82 1.69 -2.25
CA ASN A 355 24.87 1.75 -2.21
C ASN A 355 23.82 2.25 -1.23
N ALA A 356 22.93 3.12 -1.72
CA ALA A 356 21.90 3.77 -0.89
C ALA A 356 20.57 3.34 -1.53
N GLY A 357 19.55 4.20 -1.68
CA GLY A 357 18.23 3.74 -2.17
C GLY A 357 18.14 3.29 -3.62
N GLY A 358 19.11 3.67 -4.47
CA GLY A 358 19.15 3.26 -5.86
C GLY A 358 18.52 4.30 -6.81
N ARG A 359 18.04 3.83 -7.93
CA ARG A 359 17.65 4.69 -9.04
CA ARG A 359 17.66 4.73 -9.02
C ARG A 359 16.29 5.33 -8.77
N ILE A 360 16.19 6.63 -8.92
CA ILE A 360 14.99 7.44 -8.86
C ILE A 360 14.44 7.71 -10.25
N ASP A 361 15.29 8.09 -11.22
CA ASP A 361 14.77 8.51 -12.54
C ASP A 361 14.58 7.26 -13.38
N ILE A 362 13.49 6.57 -13.14
CA ILE A 362 13.21 5.30 -13.78
C ILE A 362 12.64 5.54 -15.17
N ILE A 363 12.91 4.58 -16.05
CA ILE A 363 12.39 4.60 -17.43
C ILE A 363 11.75 3.24 -17.65
N LEU A 364 10.47 3.27 -17.85
CA LEU A 364 9.71 2.07 -18.00
C LEU A 364 9.80 1.36 -19.34
N GLN A 365 10.21 2.05 -20.39
CA GLN A 365 10.47 1.41 -21.70
C GLN A 365 11.45 0.25 -21.60
#